data_2QXM
#
_entry.id   2QXM
#
_cell.length_a   55.965
_cell.length_b   83.703
_cell.length_c   58.427
_cell.angle_alpha   90.00
_cell.angle_beta   108.70
_cell.angle_gamma   90.00
#
_symmetry.space_group_name_H-M   'P 1 21 1'
#
loop_
_entity.id
_entity.type
_entity.pdbx_description
1 polymer 'Estrogen receptor'
2 polymer 'Nuclear receptor coactivator 2'
3 non-polymer 2-AMINO-1-METHYL-6-PHENYLIMIDAZO[4,5-B]PYRIDINE
4 water water
#
loop_
_entity_poly.entity_id
_entity_poly.type
_entity_poly.pdbx_seq_one_letter_code
_entity_poly.pdbx_strand_id
1 'polypeptide(L)'
;SIKRSKKNSLALSLTADQMVSALLDAEPPILYSEYDPTRPFSEASMMGLLTNLADRELVHMINWAKRVPGFVDLTLHDQV
HLLECAWLEILMIGLVWRSMEHPGKLLFAPNLLLDRNQGKCVEGMVEIFDMLLATSSRFRMMNLQGEEFVCLKSIILLNS
GVYTFLSSTLKSLEEKDHIHRVLDKITDTLIHLMAKAGLTLQQQHQRLAQLLLILSHIRHMSNKGMEHLYSMKCKNVVPL
SDLLLEMLDAHRLHAPTS
;
A,B
2 'polypeptide(L)' KHKILHRLLQDSS C,D
#
loop_
_chem_comp.id
_chem_comp.type
_chem_comp.name
_chem_comp.formula
PIQ non-polymer 2-AMINO-1-METHYL-6-PHENYLIMIDAZO[4,5-B]PYRIDINE 'C13 H12 N4'
#
# COMPACT_ATOMS: atom_id res chain seq x y z
N SER A 9 -11.96 24.83 -3.58
CA SER A 9 -12.39 25.39 -4.88
C SER A 9 -11.19 25.88 -5.67
N LEU A 10 -10.29 26.56 -4.96
CA LEU A 10 -9.13 27.14 -5.54
C LEU A 10 -8.14 26.12 -6.10
N ALA A 11 -8.12 24.94 -5.50
CA ALA A 11 -7.29 23.84 -5.95
C ALA A 11 -7.75 23.29 -7.30
N LEU A 12 -9.07 23.34 -7.52
CA LEU A 12 -9.69 22.88 -8.76
C LEU A 12 -9.64 23.97 -9.83
N SER A 13 -9.00 25.10 -9.54
CA SER A 13 -8.85 26.12 -10.56
C SER A 13 -7.39 26.37 -10.97
N LEU A 14 -6.47 25.69 -10.31
CA LEU A 14 -5.05 25.78 -10.62
C LEU A 14 -4.73 25.10 -11.93
N THR A 15 -3.71 25.60 -12.62
CA THR A 15 -3.25 24.91 -13.81
C THR A 15 -2.27 23.81 -13.47
N ALA A 16 -1.93 23.00 -14.48
CA ALA A 16 -0.88 22.01 -14.34
C ALA A 16 0.40 22.64 -13.78
N ASP A 17 0.86 23.72 -14.40
CA ASP A 17 2.10 24.39 -13.97
C ASP A 17 1.96 25.20 -12.66
N GLN A 18 0.80 25.82 -12.44
CA GLN A 18 0.52 26.46 -11.15
C GLN A 18 0.46 25.46 -9.99
N MET A 19 -0.08 24.27 -10.27
CA MET A 19 -0.07 23.16 -9.31
C MET A 19 1.38 22.82 -8.95
N VAL A 20 2.17 22.50 -9.96
CA VAL A 20 3.61 22.27 -9.76
C VAL A 20 4.33 23.43 -9.05
N SER A 21 4.12 24.67 -9.49
CA SER A 21 4.91 25.72 -8.85
C SER A 21 4.53 25.91 -7.37
N ALA A 22 3.27 25.65 -7.03
CA ALA A 22 2.79 25.83 -5.65
C ALA A 22 3.38 24.80 -4.68
N LEU A 23 3.77 23.65 -5.23
CA LEU A 23 4.20 22.51 -4.43
C LEU A 23 5.71 22.58 -4.24
N LEU A 24 6.43 22.90 -5.30
CA LEU A 24 7.84 23.22 -5.17
C LEU A 24 8.01 24.40 -4.20
N ASP A 25 7.02 25.26 -4.18
CA ASP A 25 7.10 26.43 -3.34
C ASP A 25 6.89 26.12 -1.87
N ALA A 26 6.13 25.07 -1.57
CA ALA A 26 5.89 24.63 -0.21
C ALA A 26 6.93 23.66 0.33
N GLU A 27 7.80 23.16 -0.56
CA GLU A 27 8.81 22.17 -0.14
C GLU A 27 9.54 22.58 1.13
N PRO A 28 9.50 21.69 2.14
CA PRO A 28 10.24 21.85 3.38
C PRO A 28 11.75 21.85 3.22
N PRO A 29 12.47 22.45 4.18
CA PRO A 29 13.93 22.49 4.25
C PRO A 29 14.52 21.13 4.62
N ILE A 30 15.73 20.85 4.16
CA ILE A 30 16.43 19.68 4.64
C ILE A 30 17.06 20.01 5.99
N LEU A 31 16.47 19.51 7.06
CA LEU A 31 16.99 19.81 8.41
C LEU A 31 18.26 18.99 8.68
N TYR A 32 19.03 19.44 9.66
CA TYR A 32 20.30 18.79 10.03
C TYR A 32 20.14 17.97 11.30
N SER A 33 20.99 16.95 11.43
CA SER A 33 21.03 16.15 12.65
C SER A 33 21.92 16.86 13.65
N GLU A 34 22.21 16.16 14.77
CA GLU A 34 23.18 16.67 15.71
C GLU A 34 24.59 16.36 15.21
N TYR A 35 25.35 17.38 15.26
CA TYR A 35 26.37 17.78 14.28
C TYR A 35 27.70 17.19 14.03
N ARG A 39 31.17 10.27 19.47
CA ARG A 39 32.10 9.11 19.28
C ARG A 39 31.43 8.12 18.29
N PRO A 40 31.49 6.80 18.55
CA PRO A 40 30.54 5.89 17.92
C PRO A 40 29.08 5.96 18.40
N PHE A 41 28.21 5.37 17.61
CA PHE A 41 26.80 5.34 17.90
C PHE A 41 26.45 4.20 18.86
N SER A 42 25.70 4.54 19.91
CA SER A 42 25.02 3.51 20.68
C SER A 42 23.68 3.27 20.00
N GLU A 43 23.03 2.16 20.34
CA GLU A 43 21.68 1.94 19.83
C GLU A 43 20.86 3.17 20.17
N ALA A 44 20.89 3.53 21.46
CA ALA A 44 20.12 4.64 21.98
C ALA A 44 20.46 5.97 21.28
N SER A 45 21.74 6.14 20.94
CA SER A 45 22.23 7.39 20.35
C SER A 45 21.77 7.57 18.91
N MET A 46 21.81 6.48 18.15
CA MET A 46 21.41 6.46 16.75
C MET A 46 19.92 6.81 16.63
N MET A 47 19.07 6.02 17.27
CA MET A 47 17.62 6.24 17.21
C MET A 47 17.24 7.62 17.76
N GLY A 48 18.01 8.09 18.73
CA GLY A 48 17.82 9.44 19.24
C GLY A 48 17.83 10.46 18.11
N LEU A 49 18.87 10.40 17.30
CA LEU A 49 19.05 11.34 16.19
C LEU A 49 17.90 11.23 15.19
N LEU A 50 17.43 10.00 14.96
CA LEU A 50 16.37 9.77 13.99
C LEU A 50 15.05 10.33 14.45
N THR A 51 14.70 10.03 15.68
CA THR A 51 13.45 10.51 16.29
C THR A 51 13.52 12.00 16.64
N ASN A 52 14.69 12.49 17.06
CA ASN A 52 14.90 13.93 17.19
C ASN A 52 14.68 14.59 15.81
N LEU A 53 15.33 14.04 14.79
CA LEU A 53 15.18 14.54 13.43
C LEU A 53 13.70 14.51 13.02
N ALA A 54 13.10 13.35 13.16
CA ALA A 54 11.72 13.18 12.75
C ALA A 54 10.81 14.19 13.43
N ASP A 55 10.97 14.33 14.73
CA ASP A 55 10.14 15.28 15.44
C ASP A 55 10.20 16.64 14.76
N ARG A 56 11.41 17.15 14.52
CA ARG A 56 11.55 18.46 13.96
C ARG A 56 10.93 18.51 12.60
N GLU A 57 11.13 17.45 11.83
CA GLU A 57 10.54 17.34 10.52
C GLU A 57 9.02 17.32 10.51
N LEU A 58 8.42 16.86 11.62
CA LEU A 58 6.96 16.86 11.76
C LEU A 58 6.40 18.24 11.78
N VAL A 59 6.96 19.07 12.67
CA VAL A 59 6.55 20.46 12.77
C VAL A 59 6.52 21.07 11.38
N HIS A 60 7.57 20.84 10.61
CA HIS A 60 7.67 21.41 9.26
C HIS A 60 6.64 20.82 8.31
N MET A 61 6.41 19.52 8.43
CA MET A 61 5.53 18.81 7.52
C MET A 61 4.11 19.32 7.65
N ILE A 62 3.70 19.61 8.87
CA ILE A 62 2.37 20.19 9.12
C ILE A 62 2.16 21.50 8.35
N ASN A 63 3.20 22.35 8.31
CA ASN A 63 3.14 23.61 7.55
C ASN A 63 3.12 23.41 6.03
N TRP A 64 3.78 22.36 5.53
CA TRP A 64 3.74 22.06 4.11
C TRP A 64 2.32 21.52 3.73
N ALA A 65 1.67 20.83 4.65
CA ALA A 65 0.39 20.21 4.34
C ALA A 65 -0.62 21.31 4.13
N LYS A 66 -0.52 22.34 4.94
CA LYS A 66 -1.44 23.47 4.82
C LYS A 66 -1.22 24.21 3.52
N ARG A 67 -0.06 24.04 2.92
CA ARG A 67 0.21 24.66 1.63
C ARG A 67 0.09 23.68 0.52
N VAL A 68 -0.42 22.50 0.79
CA VAL A 68 -0.80 21.55 -0.26
C VAL A 68 -2.21 21.88 -0.74
N PRO A 69 -2.32 22.37 -1.98
CA PRO A 69 -3.59 22.89 -2.47
C PRO A 69 -4.69 21.90 -2.15
N GLY A 70 -5.82 22.42 -1.67
CA GLY A 70 -6.96 21.58 -1.33
C GLY A 70 -7.03 21.23 0.14
N PHE A 71 -5.87 21.23 0.80
CA PHE A 71 -5.79 20.70 2.15
C PHE A 71 -6.49 21.58 3.21
N VAL A 72 -6.37 22.90 3.05
CA VAL A 72 -6.97 23.82 4.02
C VAL A 72 -8.48 23.94 3.79
N ASP A 73 -8.94 23.40 2.66
CA ASP A 73 -10.37 23.35 2.36
C ASP A 73 -11.11 22.41 3.29
N LEU A 74 -10.36 21.52 3.95
CA LEU A 74 -10.95 20.48 4.78
C LEU A 74 -11.08 20.93 6.21
N THR A 75 -11.89 20.20 6.97
CA THR A 75 -12.00 20.47 8.41
C THR A 75 -10.79 19.92 9.13
N LEU A 76 -10.65 20.34 10.37
CA LEU A 76 -9.47 20.08 11.18
C LEU A 76 -9.42 18.62 11.59
N HIS A 77 -10.60 18.03 11.77
CA HIS A 77 -10.66 16.61 12.13
C HIS A 77 -9.98 15.85 11.07
N ASP A 78 -10.19 16.34 9.87
CA ASP A 78 -9.82 15.61 8.66
C ASP A 78 -8.38 15.83 8.22
N GLN A 79 -7.84 17.00 8.53
CA GLN A 79 -6.42 17.26 8.32
C GLN A 79 -5.60 16.44 9.33
N VAL A 80 -6.07 16.46 10.58
CA VAL A 80 -5.52 15.66 11.67
C VAL A 80 -5.46 14.19 11.27
N HIS A 81 -6.61 13.67 10.87
CA HIS A 81 -6.72 12.28 10.47
C HIS A 81 -5.79 11.98 9.28
N LEU A 82 -5.76 12.85 8.27
CA LEU A 82 -4.92 12.65 7.11
C LEU A 82 -3.45 12.64 7.48
N LEU A 83 -3.05 13.60 8.30
CA LEU A 83 -1.67 13.68 8.81
C LEU A 83 -1.31 12.56 9.78
N GLU A 84 -2.28 12.14 10.58
CA GLU A 84 -2.07 11.00 11.49
C GLU A 84 -1.84 9.70 10.72
N CYS A 85 -2.41 9.61 9.53
CA CYS A 85 -2.25 8.40 8.72
CA CYS A 85 -2.25 8.40 8.73
C CYS A 85 -1.02 8.44 7.84
N ALA A 86 -0.71 9.61 7.30
CA ALA A 86 0.30 9.76 6.29
C ALA A 86 1.71 10.06 6.81
N TRP A 87 1.81 10.48 8.06
CA TRP A 87 3.03 11.18 8.46
C TRP A 87 4.30 10.39 8.17
N LEU A 88 4.29 9.11 8.48
CA LEU A 88 5.53 8.34 8.39
C LEU A 88 5.84 7.96 6.95
N GLU A 89 4.79 7.81 6.14
CA GLU A 89 4.95 7.66 4.69
C GLU A 89 5.68 8.86 4.08
N ILE A 90 5.19 10.05 4.42
CA ILE A 90 5.78 11.33 4.01
C ILE A 90 7.27 11.39 4.37
N LEU A 91 7.60 11.17 5.63
CA LEU A 91 8.99 11.13 6.03
C LEU A 91 9.82 10.19 5.16
N MET A 92 9.33 8.98 4.93
CA MET A 92 10.10 7.98 4.20
C MET A 92 10.34 8.32 2.74
N ILE A 93 9.33 8.83 2.04
CA ILE A 93 9.50 9.20 0.62
C ILE A 93 10.45 10.43 0.49
N GLY A 94 10.61 11.16 1.58
CA GLY A 94 11.55 12.25 1.62
C GLY A 94 12.96 11.69 1.69
N LEU A 95 13.17 10.80 2.64
CA LEU A 95 14.47 10.14 2.81
C LEU A 95 14.86 9.40 1.53
N VAL A 96 13.93 8.60 1.02
CA VAL A 96 14.12 7.91 -0.23
C VAL A 96 14.49 8.92 -1.32
N TRP A 97 13.69 9.98 -1.47
CA TRP A 97 13.99 10.98 -2.50
C TRP A 97 15.37 11.65 -2.33
N ARG A 98 15.71 11.98 -1.08
CA ARG A 98 17.03 12.57 -0.75
C ARG A 98 18.18 11.60 -0.90
N SER A 99 17.88 10.32 -0.77
CA SER A 99 18.90 9.27 -0.80
C SER A 99 19.23 8.86 -2.23
N MET A 100 18.31 9.12 -3.14
CA MET A 100 18.42 8.65 -4.52
C MET A 100 19.88 8.63 -4.97
N GLU A 101 20.50 9.81 -5.02
CA GLU A 101 21.78 9.97 -5.68
C GLU A 101 22.94 9.59 -4.77
N HIS A 102 22.64 8.76 -3.77
CA HIS A 102 23.67 8.24 -2.88
C HIS A 102 23.60 6.72 -2.79
N PRO A 103 23.79 6.05 -3.93
CA PRO A 103 23.52 4.62 -4.03
C PRO A 103 24.10 3.85 -2.86
N GLY A 104 23.23 3.20 -2.09
CA GLY A 104 23.66 2.34 -1.00
C GLY A 104 23.71 3.06 0.32
N LYS A 105 23.15 4.27 0.35
CA LYS A 105 23.11 5.06 1.57
C LYS A 105 21.77 5.79 1.76
N LEU A 106 21.40 6.00 3.02
CA LEU A 106 20.26 6.85 3.36
C LEU A 106 20.70 8.20 3.92
N LEU A 107 20.40 9.26 3.18
CA LEU A 107 20.67 10.64 3.59
C LEU A 107 19.58 11.12 4.53
N PHE A 108 19.65 10.72 5.80
CA PHE A 108 18.66 11.14 6.81
C PHE A 108 18.78 12.64 6.99
N ALA A 109 20.02 13.10 7.05
CA ALA A 109 20.37 14.51 6.93
C ALA A 109 21.72 14.62 6.24
N PRO A 110 22.12 15.83 5.86
CA PRO A 110 23.48 16.03 5.35
C PRO A 110 24.63 15.54 6.27
N ASN A 111 24.45 15.58 7.59
CA ASN A 111 25.48 15.11 8.55
C ASN A 111 25.27 13.67 8.99
N LEU A 112 24.19 13.08 8.49
CA LEU A 112 23.74 11.76 8.93
C LEU A 112 23.40 10.96 7.68
N LEU A 113 24.43 10.34 7.12
CA LEU A 113 24.34 9.62 5.86
C LEU A 113 24.86 8.21 6.14
N LEU A 114 23.94 7.26 6.21
CA LEU A 114 24.22 5.93 6.74
C LEU A 114 24.03 4.83 5.71
N ASP A 115 24.79 3.76 5.91
CA ASP A 115 24.67 2.58 5.09
C ASP A 115 24.22 1.44 5.96
N ARG A 116 23.93 0.33 5.32
CA ARG A 116 23.52 -0.88 5.99
C ARG A 116 24.75 -1.70 6.23
N ASN A 117 25.54 -1.35 7.24
CA ASN A 117 26.86 -1.88 7.42
C ASN A 117 26.99 -2.69 8.71
N GLU A 123 18.26 -2.67 16.50
CA GLU A 123 17.64 -3.99 16.27
C GLU A 123 16.37 -3.99 15.41
N GLY A 124 16.43 -4.68 14.27
CA GLY A 124 15.26 -4.89 13.40
C GLY A 124 15.08 -3.91 12.26
N MET A 125 15.81 -2.80 12.31
CA MET A 125 15.59 -1.73 11.37
C MET A 125 16.29 -1.96 10.04
N VAL A 126 17.13 -3.00 10.00
CA VAL A 126 17.87 -3.36 8.77
C VAL A 126 16.96 -3.76 7.60
N GLU A 127 15.93 -4.54 7.89
CA GLU A 127 14.97 -4.94 6.87
C GLU A 127 14.28 -3.71 6.29
N ILE A 128 13.92 -2.79 7.19
CA ILE A 128 13.32 -1.52 6.82
C ILE A 128 14.28 -0.69 5.96
N PHE A 129 15.53 -0.63 6.41
CA PHE A 129 16.62 0.07 5.74
C PHE A 129 16.79 -0.46 4.31
N ASP A 130 16.79 -1.78 4.18
CA ASP A 130 16.92 -2.44 2.88
C ASP A 130 15.80 -2.05 1.90
N MET A 131 14.59 -1.89 2.44
CA MET A 131 13.43 -1.51 1.63
C MET A 131 13.54 -0.07 1.14
N LEU A 132 13.92 0.83 2.04
CA LEU A 132 14.05 2.24 1.70
C LEU A 132 15.11 2.41 0.64
N LEU A 133 16.22 1.69 0.80
CA LEU A 133 17.30 1.68 -0.20
C LEU A 133 16.80 1.14 -1.54
N ALA A 134 16.00 0.09 -1.51
CA ALA A 134 15.46 -0.44 -2.76
C ALA A 134 14.55 0.61 -3.41
N THR A 135 13.74 1.27 -2.60
CA THR A 135 12.84 2.33 -3.10
C THR A 135 13.65 3.42 -3.78
N SER A 136 14.77 3.76 -3.18
CA SER A 136 15.67 4.77 -3.75
CA SER A 136 15.66 4.77 -3.75
C SER A 136 16.36 4.22 -4.98
N SER A 137 16.66 2.93 -4.99
CA SER A 137 17.21 2.35 -6.21
C SER A 137 16.19 2.45 -7.33
N ARG A 138 14.94 2.22 -6.99
CA ARG A 138 13.86 2.35 -7.96
C ARG A 138 13.75 3.76 -8.52
N PHE A 139 13.52 4.73 -7.65
CA PHE A 139 13.44 6.11 -8.06
C PHE A 139 14.61 6.49 -8.97
N ARG A 140 15.79 6.07 -8.59
CA ARG A 140 16.98 6.23 -9.41
C ARG A 140 16.84 5.59 -10.80
N MET A 141 16.50 4.32 -10.83
CA MET A 141 16.36 3.60 -12.09
C MET A 141 15.26 4.18 -12.97
N MET A 142 14.36 4.92 -12.34
CA MET A 142 13.30 5.61 -13.08
C MET A 142 13.70 7.03 -13.35
N ASN A 143 14.73 7.52 -12.66
CA ASN A 143 15.11 8.92 -12.73
C ASN A 143 13.93 9.83 -12.37
N LEU A 144 13.43 9.67 -11.16
CA LEU A 144 12.28 10.45 -10.70
C LEU A 144 12.64 11.92 -10.76
N GLN A 145 11.71 12.74 -11.23
CA GLN A 145 11.93 14.18 -11.28
C GLN A 145 11.32 14.82 -10.02
N GLY A 146 11.83 16.00 -9.67
CA GLY A 146 11.39 16.73 -8.48
C GLY A 146 9.92 17.08 -8.53
N GLU A 147 9.50 17.65 -9.66
CA GLU A 147 8.10 17.95 -9.92
C GLU A 147 7.23 16.71 -9.72
N GLU A 148 7.76 15.54 -10.11
CA GLU A 148 7.07 14.28 -9.96
C GLU A 148 6.99 13.88 -8.50
N PHE A 149 8.07 14.12 -7.79
CA PHE A 149 8.17 13.72 -6.37
C PHE A 149 7.19 14.47 -5.46
N VAL A 150 6.97 15.75 -5.76
CA VAL A 150 6.13 16.58 -4.91
C VAL A 150 4.68 16.27 -5.16
N CYS A 151 4.40 15.86 -6.39
CA CYS A 151 3.06 15.35 -6.73
C CYS A 151 2.75 14.07 -5.99
N LEU A 152 3.69 13.13 -6.01
CA LEU A 152 3.55 11.85 -5.33
C LEU A 152 3.36 12.08 -3.85
N LYS A 153 3.99 13.13 -3.37
CA LYS A 153 4.00 13.40 -1.95
C LYS A 153 2.66 13.95 -1.48
N SER A 154 2.04 14.74 -2.35
CA SER A 154 0.70 15.26 -2.10
C SER A 154 -0.33 14.13 -2.21
N ILE A 155 -0.14 13.28 -3.22
CA ILE A 155 -1.03 12.11 -3.39
C ILE A 155 -1.08 11.33 -2.08
N ILE A 156 0.10 10.96 -1.54
CA ILE A 156 0.19 10.26 -0.26
C ILE A 156 -0.65 10.93 0.85
N LEU A 157 -0.45 12.23 1.04
CA LEU A 157 -1.17 13.00 2.06
C LEU A 157 -2.69 12.90 1.98
N LEU A 158 -3.23 13.21 0.80
CA LEU A 158 -4.68 13.16 0.57
C LEU A 158 -5.24 11.75 0.46
N ASN A 159 -4.44 10.84 -0.08
CA ASN A 159 -4.92 9.46 -0.29
C ASN A 159 -4.99 8.56 0.96
N SER A 160 -3.88 8.45 1.67
CA SER A 160 -3.68 7.38 2.64
C SER A 160 -4.84 7.16 3.62
N GLY A 161 -5.50 8.24 4.03
CA GLY A 161 -6.51 8.16 5.09
C GLY A 161 -7.95 8.49 4.72
N VAL A 162 -8.21 8.72 3.44
CA VAL A 162 -9.55 9.04 2.95
C VAL A 162 -10.51 7.83 2.98
N TYR A 163 -9.99 6.62 2.73
CA TYR A 163 -10.81 5.40 2.76
C TYR A 163 -11.36 5.14 4.15
N THR A 164 -10.53 5.44 5.14
CA THR A 164 -10.90 5.24 6.54
C THR A 164 -11.63 6.45 7.09
N PHE A 165 -12.34 7.16 6.21
CA PHE A 165 -13.26 8.23 6.62
C PHE A 165 -14.62 7.63 6.90
N LEU A 170 -23.17 13.40 4.39
CA LEU A 170 -23.38 14.56 3.51
C LEU A 170 -22.75 15.78 4.14
N LYS A 171 -22.00 15.57 5.20
CA LYS A 171 -20.97 16.51 5.53
C LYS A 171 -19.67 15.88 5.05
N SER A 172 -19.71 14.55 5.00
CA SER A 172 -18.54 13.71 4.83
C SER A 172 -18.36 13.25 3.39
N LEU A 173 -19.45 12.82 2.77
CA LEU A 173 -19.44 12.36 1.38
C LEU A 173 -18.92 13.45 0.45
N GLU A 174 -19.25 14.70 0.76
CA GLU A 174 -18.79 15.88 -0.01
C GLU A 174 -17.29 16.14 0.12
N GLU A 175 -16.76 15.92 1.32
CA GLU A 175 -15.37 16.14 1.67
C GLU A 175 -14.47 15.14 0.96
N LYS A 176 -14.83 13.86 1.07
CA LYS A 176 -14.22 12.78 0.28
C LYS A 176 -14.23 13.14 -1.20
N ASP A 177 -15.45 13.41 -1.69
CA ASP A 177 -15.65 13.86 -3.05
C ASP A 177 -14.65 14.94 -3.41
N HIS A 178 -14.45 15.83 -2.45
CA HIS A 178 -13.54 16.92 -2.67
C HIS A 178 -12.11 16.41 -2.87
N ILE A 179 -11.66 15.60 -1.92
CA ILE A 179 -10.31 15.09 -1.91
C ILE A 179 -10.03 14.28 -3.17
N HIS A 180 -11.02 13.52 -3.61
CA HIS A 180 -10.88 12.72 -4.82
C HIS A 180 -10.76 13.62 -6.05
N ARG A 181 -11.40 14.78 -6.00
CA ARG A 181 -11.29 15.78 -7.07
C ARG A 181 -9.92 16.42 -7.06
N VAL A 182 -9.40 16.73 -5.88
CA VAL A 182 -8.04 17.22 -5.76
C VAL A 182 -7.03 16.19 -6.29
N LEU A 183 -7.33 14.91 -6.06
CA LEU A 183 -6.44 13.81 -6.44
C LEU A 183 -6.36 13.61 -7.94
N ASP A 184 -7.46 13.85 -8.60
CA ASP A 184 -7.47 13.76 -10.05
C ASP A 184 -6.63 14.89 -10.64
N LYS A 185 -6.80 16.10 -10.11
CA LYS A 185 -5.89 17.20 -10.42
C LYS A 185 -4.40 16.79 -10.30
N ILE A 186 -3.97 16.38 -9.12
CA ILE A 186 -2.55 15.99 -8.98
C ILE A 186 -2.14 14.97 -10.05
N THR A 187 -3.04 14.03 -10.38
CA THR A 187 -2.86 13.05 -11.47
C THR A 187 -2.80 13.70 -12.91
N ASP A 188 -3.73 14.59 -13.20
CA ASP A 188 -3.63 15.45 -14.40
C ASP A 188 -2.25 16.11 -14.42
N THR A 189 -1.82 16.56 -13.24
CA THR A 189 -0.55 17.28 -13.12
C THR A 189 0.62 16.35 -13.41
N LEU A 190 0.51 15.12 -12.92
CA LEU A 190 1.57 14.16 -13.20
C LEU A 190 1.67 13.87 -14.68
N ILE A 191 0.53 13.90 -15.36
CA ILE A 191 0.47 13.60 -16.78
C ILE A 191 1.04 14.76 -17.59
N HIS A 192 0.58 15.97 -17.29
CA HIS A 192 1.21 17.17 -17.82
C HIS A 192 2.75 17.03 -17.84
N LEU A 193 3.30 16.82 -16.66
CA LEU A 193 4.74 16.60 -16.48
C LEU A 193 5.37 15.65 -17.49
N MET A 194 4.73 14.52 -17.75
CA MET A 194 5.31 13.48 -18.61
C MET A 194 5.11 13.73 -20.11
N ALA A 195 3.97 14.32 -20.45
CA ALA A 195 3.76 14.82 -21.80
C ALA A 195 4.79 15.92 -22.10
N LYS A 196 4.96 16.81 -21.13
CA LYS A 196 5.98 17.85 -21.22
C LYS A 196 7.37 17.26 -21.37
N ALA A 197 7.69 16.23 -20.59
CA ALA A 197 9.00 15.60 -20.74
C ALA A 197 9.08 14.82 -22.07
N GLY A 198 7.98 14.80 -22.82
CA GLY A 198 8.02 14.31 -24.20
C GLY A 198 7.69 12.85 -24.40
N LEU A 199 7.27 12.17 -23.33
CA LEU A 199 6.86 10.78 -23.39
C LEU A 199 5.58 10.57 -24.25
N THR A 200 5.47 9.45 -24.95
CA THR A 200 4.25 9.09 -25.65
C THR A 200 3.15 8.74 -24.64
N LEU A 201 1.93 8.71 -25.15
CA LEU A 201 0.74 8.36 -24.38
C LEU A 201 0.85 7.03 -23.62
N GLN A 202 1.28 6.01 -24.32
CA GLN A 202 1.57 4.72 -23.73
C GLN A 202 2.52 4.89 -22.55
N GLN A 203 3.57 5.66 -22.77
CA GLN A 203 4.62 5.84 -21.76
C GLN A 203 4.20 6.69 -20.57
N GLN A 204 3.38 7.72 -20.80
CA GLN A 204 2.73 8.47 -19.70
C GLN A 204 1.96 7.51 -18.76
N HIS A 205 1.20 6.58 -19.35
CA HIS A 205 0.35 5.70 -18.57
C HIS A 205 1.10 4.67 -17.83
N GLN A 206 2.02 4.03 -18.52
CA GLN A 206 2.97 3.11 -17.90
C GLN A 206 3.69 3.77 -16.76
N ARG A 207 4.26 4.93 -17.04
CA ARG A 207 5.02 5.64 -16.03
C ARG A 207 4.13 5.99 -14.83
N LEU A 208 3.01 6.67 -15.08
CA LEU A 208 2.08 6.97 -14.03
C LEU A 208 1.81 5.70 -13.20
N ALA A 209 1.55 4.58 -13.86
CA ALA A 209 1.31 3.32 -13.12
C ALA A 209 2.50 2.97 -12.21
N GLN A 210 3.70 2.94 -12.79
CA GLN A 210 4.91 2.62 -12.06
C GLN A 210 5.13 3.47 -10.78
N LEU A 211 4.75 4.74 -10.80
CA LEU A 211 4.94 5.60 -9.65
C LEU A 211 3.85 5.44 -8.62
N LEU A 212 2.63 5.20 -9.06
CA LEU A 212 1.59 4.92 -8.06
C LEU A 212 1.84 3.62 -7.29
N LEU A 213 2.45 2.64 -7.96
CA LEU A 213 2.63 1.32 -7.39
C LEU A 213 3.73 1.26 -6.35
N ILE A 214 4.55 2.29 -6.31
CA ILE A 214 5.65 2.44 -5.37
C ILE A 214 5.11 2.88 -4.03
N LEU A 215 4.03 3.66 -4.12
CA LEU A 215 3.30 4.09 -2.93
C LEU A 215 2.82 2.91 -2.10
N SER A 216 2.43 1.83 -2.79
CA SER A 216 2.10 0.60 -2.10
C SER A 216 3.31 0.10 -1.28
N HIS A 217 4.48 0.12 -1.89
CA HIS A 217 5.70 -0.25 -1.17
C HIS A 217 6.07 0.74 -0.05
N ILE A 218 5.68 1.99 -0.23
CA ILE A 218 5.91 2.99 0.82
C ILE A 218 4.92 2.83 1.97
N ARG A 219 3.66 2.55 1.64
CA ARG A 219 2.67 2.31 2.68
C ARG A 219 3.13 1.08 3.52
N HIS A 220 3.74 0.11 2.85
CA HIS A 220 4.22 -1.09 3.51
C HIS A 220 5.43 -0.84 4.42
N MET A 221 6.36 -0.02 3.98
CA MET A 221 7.48 0.31 4.84
C MET A 221 6.96 1.03 6.07
N SER A 222 5.99 1.91 5.86
CA SER A 222 5.48 2.72 6.96
C SER A 222 4.72 1.90 8.00
N ASN A 223 3.89 0.96 7.55
CA ASN A 223 3.20 0.09 8.48
C ASN A 223 4.19 -0.67 9.31
N LYS A 224 5.26 -1.13 8.66
CA LYS A 224 6.36 -1.85 9.36
C LYS A 224 7.15 -0.99 10.36
N GLY A 225 7.49 0.22 9.97
CA GLY A 225 8.25 1.11 10.82
C GLY A 225 7.40 1.50 12.00
N MET A 226 6.09 1.60 11.79
CA MET A 226 5.23 2.01 12.86
C MET A 226 5.31 0.99 13.99
N GLU A 227 5.34 -0.29 13.63
CA GLU A 227 5.51 -1.35 14.61
C GLU A 227 6.89 -1.35 15.24
N HIS A 228 7.93 -1.11 14.45
CA HIS A 228 9.28 -1.03 14.98
C HIS A 228 9.38 0.16 15.92
N LEU A 229 8.69 1.25 15.58
CA LEU A 229 8.70 2.45 16.41
C LEU A 229 7.91 2.21 17.67
N TYR A 230 6.99 1.26 17.60
CA TYR A 230 6.20 0.88 18.76
C TYR A 230 6.95 0.03 19.79
N SER A 231 7.91 -0.77 19.32
CA SER A 231 8.77 -1.54 20.22
C SER A 231 9.89 -0.68 20.78
N MET A 232 10.46 0.19 19.93
CA MET A 232 11.42 1.17 20.41
C MET A 232 10.76 2.13 21.40
N LYS A 233 9.42 2.06 21.44
CA LYS A 233 8.65 2.85 22.38
C LYS A 233 8.53 2.13 23.71
N CYS A 234 7.92 0.96 23.65
CA CYS A 234 7.76 0.11 24.80
C CYS A 234 9.10 -0.12 25.50
N LYS A 235 10.18 0.11 24.78
CA LYS A 235 11.51 -0.15 25.30
C LYS A 235 12.08 0.96 26.21
N ASN A 236 11.54 2.17 26.09
CA ASN A 236 12.03 3.34 26.83
C ASN A 236 13.53 3.62 26.63
N VAL A 237 14.10 2.89 25.68
CA VAL A 237 15.46 3.08 25.21
C VAL A 237 15.66 4.49 24.65
N VAL A 238 14.59 5.03 24.04
CA VAL A 238 14.68 6.29 23.32
C VAL A 238 13.51 7.20 23.63
N PRO A 239 13.80 8.34 24.26
CA PRO A 239 12.74 9.33 24.47
C PRO A 239 12.08 9.65 23.15
N LEU A 240 10.77 9.82 23.17
CA LEU A 240 10.04 10.29 22.00
C LEU A 240 9.26 11.54 22.35
N SER A 241 9.26 12.53 21.45
CA SER A 241 8.53 13.78 21.67
C SER A 241 7.04 13.54 21.90
N ASP A 242 6.37 14.49 22.53
CA ASP A 242 4.94 14.36 22.79
C ASP A 242 4.15 14.31 21.48
N LEU A 243 4.64 15.00 20.47
CA LEU A 243 4.07 14.90 19.15
C LEU A 243 4.29 13.50 18.59
N LEU A 244 5.55 13.10 18.47
CA LEU A 244 5.93 11.80 17.92
C LEU A 244 5.13 10.71 18.62
N LEU A 245 4.85 10.90 19.89
CA LEU A 245 4.19 9.88 20.71
C LEU A 245 2.72 9.84 20.39
N GLU A 246 2.09 11.00 20.24
CA GLU A 246 0.68 11.09 19.86
C GLU A 246 0.46 10.57 18.46
N MET A 247 1.46 10.69 17.60
CA MET A 247 1.29 10.35 16.20
C MET A 247 1.41 8.88 16.09
N LEU A 248 2.09 8.30 17.05
CA LEU A 248 2.20 6.85 17.12
C LEU A 248 0.99 6.32 17.85
N ASP A 249 0.43 7.15 18.72
CA ASP A 249 -0.80 6.81 19.42
C ASP A 249 -1.93 6.48 18.46
N ALA A 250 -2.05 7.26 17.38
CA ALA A 250 -3.14 7.14 16.39
C ALA A 250 -3.17 5.80 15.65
N HIS A 251 -2.02 5.16 15.51
CA HIS A 251 -1.94 3.88 14.81
C HIS A 251 -2.28 2.64 15.63
N ARG A 252 -2.83 2.83 16.80
CA ARG A 252 -3.19 1.67 17.63
C ARG A 252 -4.52 1.74 17.97
N LEU A 253 -4.89 2.99 17.87
CA LEU A 253 -6.21 3.32 18.38
C LEU A 253 -7.19 3.17 17.28
N LEU B 10 4.89 -15.93 -25.34
CA LEU B 10 5.20 -15.14 -24.17
C LEU B 10 4.15 -14.11 -23.80
N ALA B 11 4.22 -13.67 -22.55
CA ALA B 11 3.29 -12.68 -22.00
C ALA B 11 3.39 -11.30 -22.68
N LEU B 12 4.55 -11.01 -23.27
CA LEU B 12 4.79 -9.70 -23.88
C LEU B 12 4.21 -9.60 -25.29
N SER B 13 3.92 -10.76 -25.88
CA SER B 13 3.31 -10.81 -27.22
C SER B 13 1.82 -11.11 -27.12
N LEU B 14 1.36 -11.40 -25.91
CA LEU B 14 -0.06 -11.34 -25.62
C LEU B 14 -0.57 -9.96 -25.95
N THR B 15 -1.75 -9.88 -26.56
CA THR B 15 -2.41 -8.59 -26.69
C THR B 15 -3.29 -8.31 -25.48
N ALA B 16 -3.94 -7.15 -25.53
CA ALA B 16 -4.83 -6.70 -24.47
C ALA B 16 -5.93 -7.71 -24.26
N ASP B 17 -6.71 -7.93 -25.30
CA ASP B 17 -7.85 -8.83 -25.20
C ASP B 17 -7.48 -10.29 -24.88
N GLN B 18 -6.28 -10.70 -25.28
CA GLN B 18 -5.77 -12.01 -24.90
C GLN B 18 -5.33 -12.02 -23.46
N MET B 19 -4.78 -10.89 -23.01
CA MET B 19 -4.42 -10.69 -21.61
C MET B 19 -5.64 -10.87 -20.70
N VAL B 20 -6.75 -10.22 -21.06
CA VAL B 20 -8.02 -10.29 -20.31
C VAL B 20 -8.63 -11.70 -20.37
N SER B 21 -8.61 -12.33 -21.53
CA SER B 21 -9.20 -13.67 -21.66
C SER B 21 -8.52 -14.65 -20.73
N ALA B 22 -7.19 -14.63 -20.69
CA ALA B 22 -6.43 -15.56 -19.84
C ALA B 22 -6.78 -15.41 -18.34
N LEU B 23 -6.73 -14.18 -17.86
CA LEU B 23 -7.01 -13.85 -16.47
C LEU B 23 -8.43 -14.28 -16.02
N LEU B 24 -9.43 -13.90 -16.80
CA LEU B 24 -10.77 -14.39 -16.51
C LEU B 24 -10.85 -15.89 -16.56
N ASP B 25 -9.99 -16.49 -17.34
CA ASP B 25 -9.99 -17.92 -17.47
C ASP B 25 -9.24 -18.58 -16.36
N ALA B 26 -8.26 -17.90 -15.78
CA ALA B 26 -7.54 -18.40 -14.62
C ALA B 26 -8.27 -18.21 -13.31
N GLU B 27 -9.39 -17.48 -13.31
CA GLU B 27 -10.06 -17.13 -12.05
C GLU B 27 -10.41 -18.36 -11.22
N PRO B 28 -10.08 -18.31 -9.93
CA PRO B 28 -10.45 -19.39 -9.01
C PRO B 28 -11.95 -19.44 -8.75
N PRO B 29 -12.44 -20.56 -8.24
CA PRO B 29 -13.81 -20.79 -7.80
C PRO B 29 -14.10 -20.10 -6.50
N ILE B 30 -15.36 -19.78 -6.22
CA ILE B 30 -15.72 -19.36 -4.87
C ILE B 30 -15.87 -20.61 -4.04
N LEU B 31 -15.22 -20.63 -2.89
CA LEU B 31 -15.26 -21.77 -1.99
C LEU B 31 -16.21 -21.55 -0.80
N TYR B 32 -16.81 -22.63 -0.33
CA TYR B 32 -17.79 -22.55 0.75
C TYR B 32 -17.08 -22.74 2.08
N SER B 33 -17.66 -22.15 3.12
CA SER B 33 -17.11 -22.25 4.47
CA SER B 33 -17.12 -22.24 4.47
C SER B 33 -17.65 -23.48 5.16
N GLU B 34 -16.96 -23.91 6.22
CA GLU B 34 -17.40 -25.05 7.03
C GLU B 34 -18.37 -24.60 8.01
N TYR B 35 -19.20 -23.76 7.49
CA TYR B 35 -20.04 -23.15 8.30
C TYR B 35 -21.07 -24.06 8.95
N ASP B 36 -20.93 -24.14 10.30
CA ASP B 36 -21.88 -24.86 11.14
C ASP B 36 -22.91 -23.99 11.88
N PRO B 37 -24.13 -23.89 11.31
CA PRO B 37 -25.21 -23.07 11.87
C PRO B 37 -25.95 -23.70 13.04
N THR B 38 -25.36 -24.70 13.67
CA THR B 38 -25.98 -25.33 14.81
C THR B 38 -25.45 -24.76 16.11
N ARG B 39 -24.30 -24.07 16.04
CA ARG B 39 -23.78 -23.42 17.21
C ARG B 39 -23.59 -21.94 16.91
N PRO B 40 -23.71 -21.10 17.97
CA PRO B 40 -23.32 -19.70 17.84
C PRO B 40 -21.82 -19.54 17.72
N PHE B 41 -21.42 -18.44 17.11
CA PHE B 41 -20.02 -18.18 16.91
C PHE B 41 -19.29 -18.02 18.23
N SER B 42 -18.08 -18.57 18.28
CA SER B 42 -17.08 -18.11 19.25
C SER B 42 -16.01 -17.29 18.52
N GLU B 43 -15.11 -16.71 19.29
CA GLU B 43 -13.92 -16.11 18.71
C GLU B 43 -13.13 -17.20 18.02
N ALA B 44 -12.91 -18.29 18.75
CA ALA B 44 -12.17 -19.44 18.24
C ALA B 44 -12.84 -20.06 17.03
N SER B 45 -14.16 -20.17 17.08
CA SER B 45 -14.87 -20.83 16.01
C SER B 45 -14.75 -20.02 14.72
N MET B 46 -15.10 -18.75 14.79
CA MET B 46 -15.09 -17.87 13.63
CA MET B 46 -15.10 -17.92 13.60
C MET B 46 -13.73 -17.82 12.97
N MET B 47 -12.74 -17.53 13.79
CA MET B 47 -11.37 -17.52 13.31
C MET B 47 -11.00 -18.84 12.63
N GLY B 48 -11.47 -19.94 13.21
CA GLY B 48 -11.33 -21.24 12.60
C GLY B 48 -11.87 -21.23 11.18
N LEU B 49 -13.07 -20.72 11.03
CA LEU B 49 -13.72 -20.65 9.74
C LEU B 49 -12.91 -19.84 8.72
N LEU B 50 -12.37 -18.70 9.11
CA LEU B 50 -11.62 -17.87 8.17
C LEU B 50 -10.29 -18.53 7.80
N THR B 51 -9.63 -19.11 8.80
CA THR B 51 -8.35 -19.77 8.59
C THR B 51 -8.51 -21.10 7.82
N ASN B 52 -9.66 -21.73 7.95
CA ASN B 52 -9.96 -22.88 7.14
C ASN B 52 -10.20 -22.45 5.69
N LEU B 53 -11.01 -21.43 5.53
CA LEU B 53 -11.29 -20.92 4.19
C LEU B 53 -10.02 -20.46 3.47
N ALA B 54 -9.25 -19.58 4.11
CA ALA B 54 -8.01 -19.05 3.54
C ALA B 54 -7.11 -20.21 3.09
N ASP B 55 -6.98 -21.18 3.99
CA ASP B 55 -6.14 -22.33 3.76
C ASP B 55 -6.48 -23.00 2.42
N ARG B 56 -7.78 -23.16 2.18
CA ARG B 56 -8.22 -23.77 0.93
C ARG B 56 -8.12 -22.82 -0.30
N GLU B 57 -8.41 -21.54 -0.10
CA GLU B 57 -8.14 -20.57 -1.16
C GLU B 57 -6.66 -20.53 -1.59
N LEU B 58 -5.74 -20.66 -0.64
CA LEU B 58 -4.30 -20.61 -0.97
C LEU B 58 -3.92 -21.66 -2.03
N VAL B 59 -4.40 -22.88 -1.83
CA VAL B 59 -4.08 -23.95 -2.77
C VAL B 59 -4.53 -23.62 -4.21
N HIS B 60 -5.70 -23.05 -4.32
CA HIS B 60 -6.21 -22.59 -5.60
C HIS B 60 -5.45 -21.38 -6.06
N MET B 61 -5.08 -20.54 -5.12
CA MET B 61 -4.38 -19.34 -5.46
C MET B 61 -3.11 -19.70 -6.21
N ILE B 62 -2.37 -20.64 -5.65
CA ILE B 62 -1.10 -21.04 -6.20
C ILE B 62 -1.27 -21.39 -7.67
N ASN B 63 -2.36 -22.09 -7.97
CA ASN B 63 -2.63 -22.53 -9.33
C ASN B 63 -3.09 -21.37 -10.24
N TRP B 64 -3.71 -20.37 -9.62
CA TRP B 64 -4.07 -19.16 -10.34
C TRP B 64 -2.80 -18.39 -10.75
N ALA B 65 -1.88 -18.19 -9.80
CA ALA B 65 -0.62 -17.49 -10.06
C ALA B 65 0.06 -18.06 -11.28
N LYS B 66 0.11 -19.39 -11.35
CA LYS B 66 0.81 -20.05 -12.48
C LYS B 66 0.24 -19.66 -13.85
N ARG B 67 -1.03 -19.25 -13.85
CA ARG B 67 -1.69 -18.85 -15.10
C ARG B 67 -1.69 -17.34 -15.29
N VAL B 68 -1.08 -16.62 -14.35
CA VAL B 68 -0.86 -15.20 -14.52
C VAL B 68 0.36 -15.01 -15.43
N PRO B 69 0.13 -14.46 -16.63
CA PRO B 69 1.14 -14.36 -17.67
C PRO B 69 2.42 -13.81 -17.11
N GLY B 70 3.55 -14.36 -17.56
CA GLY B 70 4.84 -13.89 -17.14
C GLY B 70 5.29 -14.62 -15.89
N PHE B 71 4.32 -15.05 -15.09
CA PHE B 71 4.66 -15.52 -13.73
C PHE B 71 5.44 -16.84 -13.71
N VAL B 72 5.17 -17.72 -14.68
CA VAL B 72 5.86 -19.01 -14.76
C VAL B 72 7.27 -18.85 -15.32
N ASP B 73 7.58 -17.66 -15.83
CA ASP B 73 8.91 -17.35 -16.37
C ASP B 73 9.95 -17.20 -15.27
N LEU B 74 9.50 -17.30 -14.03
CA LEU B 74 10.32 -16.92 -12.89
C LEU B 74 10.82 -18.12 -12.10
N THR B 75 11.92 -17.93 -11.38
CA THR B 75 12.44 -19.03 -10.59
C THR B 75 11.52 -19.27 -9.40
N LEU B 76 11.51 -20.52 -8.95
CA LEU B 76 10.64 -20.96 -7.88
C LEU B 76 10.77 -20.12 -6.62
N HIS B 77 12.02 -19.79 -6.28
CA HIS B 77 12.33 -18.97 -5.13
CA HIS B 77 12.29 -18.98 -5.12
C HIS B 77 11.62 -17.61 -5.27
N ASP B 78 11.58 -17.08 -6.49
CA ASP B 78 10.94 -15.78 -6.75
C ASP B 78 9.42 -15.90 -6.66
N GLN B 79 8.88 -16.96 -7.25
CA GLN B 79 7.45 -17.23 -7.20
C GLN B 79 7.03 -17.39 -5.75
N VAL B 80 7.84 -18.12 -5.01
CA VAL B 80 7.67 -18.26 -3.57
C VAL B 80 7.60 -16.90 -2.88
N HIS B 81 8.56 -16.04 -3.19
CA HIS B 81 8.60 -14.74 -2.57
C HIS B 81 7.39 -13.82 -2.92
N LEU B 82 7.04 -13.73 -4.19
CA LEU B 82 5.91 -12.88 -4.61
C LEU B 82 4.68 -13.28 -3.87
N LEU B 83 4.46 -14.59 -3.83
CA LEU B 83 3.27 -15.17 -3.23
C LEU B 83 3.21 -15.01 -1.73
N GLU B 84 4.35 -15.21 -1.09
CA GLU B 84 4.49 -14.95 0.35
C GLU B 84 4.22 -13.51 0.67
N CYS B 85 4.56 -12.61 -0.23
CA CYS B 85 4.33 -11.18 0.01
CA CYS B 85 4.32 -11.19 0.01
C CYS B 85 2.85 -10.82 -0.19
N ALA B 86 2.28 -11.24 -1.32
CA ALA B 86 0.94 -10.82 -1.73
C ALA B 86 -0.28 -11.67 -1.27
N TRP B 87 -0.07 -12.81 -0.65
CA TRP B 87 -1.17 -13.77 -0.48
C TRP B 87 -2.39 -13.18 0.21
N LEU B 88 -2.15 -12.39 1.25
CA LEU B 88 -3.27 -11.82 2.02
C LEU B 88 -3.92 -10.66 1.29
N GLU B 89 -3.13 -9.89 0.55
CA GLU B 89 -3.68 -8.84 -0.29
C GLU B 89 -4.63 -9.50 -1.29
N ILE B 90 -4.10 -10.51 -1.96
CA ILE B 90 -4.85 -11.29 -2.92
C ILE B 90 -6.19 -11.82 -2.37
N LEU B 91 -6.17 -12.44 -1.19
CA LEU B 91 -7.41 -12.89 -0.52
C LEU B 91 -8.38 -11.76 -0.19
N MET B 92 -7.84 -10.65 0.32
CA MET B 92 -8.65 -9.48 0.68
C MET B 92 -9.25 -8.77 -0.53
N ILE B 93 -8.51 -8.70 -1.63
CA ILE B 93 -9.08 -8.03 -2.82
C ILE B 93 -10.17 -8.88 -3.47
N GLY B 94 -10.02 -10.20 -3.40
CA GLY B 94 -11.10 -11.11 -3.79
C GLY B 94 -12.32 -10.90 -2.90
N LEU B 95 -12.10 -10.97 -1.59
CA LEU B 95 -13.23 -10.81 -0.65
C LEU B 95 -14.00 -9.53 -0.91
N VAL B 96 -13.26 -8.43 -1.04
CA VAL B 96 -13.86 -7.12 -1.29
C VAL B 96 -14.71 -7.19 -2.56
N TRP B 97 -14.11 -7.73 -3.62
CA TRP B 97 -14.77 -7.84 -4.93
C TRP B 97 -16.10 -8.59 -4.89
N ARG B 98 -16.12 -9.71 -4.22
CA ARG B 98 -17.35 -10.50 -4.15
C ARG B 98 -18.31 -9.92 -3.13
N SER B 99 -17.81 -9.00 -2.30
CA SER B 99 -18.65 -8.35 -1.36
C SER B 99 -19.31 -7.15 -2.01
N MET B 100 -18.83 -6.79 -3.19
CA MET B 100 -19.25 -5.56 -3.86
C MET B 100 -20.73 -5.28 -3.78
N GLU B 101 -21.53 -6.19 -4.28
CA GLU B 101 -22.95 -5.94 -4.32
C GLU B 101 -23.63 -6.26 -3.02
N HIS B 102 -22.86 -6.40 -1.95
CA HIS B 102 -23.44 -6.73 -0.65
C HIS B 102 -23.13 -5.66 0.40
N PRO B 103 -23.81 -4.50 0.29
CA PRO B 103 -23.69 -3.32 1.17
C PRO B 103 -23.78 -3.65 2.67
N GLY B 104 -22.72 -3.32 3.42
CA GLY B 104 -22.68 -3.54 4.86
C GLY B 104 -22.16 -4.93 5.26
N LYS B 105 -21.86 -5.79 4.28
CA LYS B 105 -21.53 -7.18 4.56
C LYS B 105 -20.26 -7.64 3.86
N LEU B 106 -19.62 -8.64 4.45
CA LEU B 106 -18.45 -9.30 3.86
C LEU B 106 -18.80 -10.75 3.51
N LEU B 107 -18.73 -11.05 2.21
CA LEU B 107 -19.03 -12.37 1.69
C LEU B 107 -17.76 -13.20 1.57
N PHE B 108 -17.32 -13.75 2.69
CA PHE B 108 -16.11 -14.59 2.76
C PHE B 108 -16.37 -15.86 1.94
N ALA B 109 -17.64 -16.27 1.91
CA ALA B 109 -18.10 -17.41 1.14
C ALA B 109 -19.60 -17.28 1.02
N PRO B 110 -20.19 -17.92 0.00
CA PRO B 110 -21.65 -17.85 -0.16
C PRO B 110 -22.45 -18.23 1.07
N ASN B 111 -21.87 -19.04 1.96
CA ASN B 111 -22.50 -19.43 3.23
C ASN B 111 -21.87 -18.81 4.47
N LEU B 112 -21.20 -17.67 4.28
CA LEU B 112 -20.55 -16.96 5.36
C LEU B 112 -20.52 -15.46 5.04
N LEU B 113 -21.71 -14.88 5.11
CA LEU B 113 -21.91 -13.49 4.76
C LEU B 113 -22.12 -12.74 6.07
N LEU B 114 -21.08 -12.06 6.54
CA LEU B 114 -21.10 -11.44 7.84
C LEU B 114 -21.17 -9.91 7.78
N ASP B 115 -21.53 -9.31 8.90
CA ASP B 115 -21.59 -7.87 9.03
C ASP B 115 -20.67 -7.48 10.16
N ARG B 116 -20.45 -6.18 10.32
CA ARG B 116 -19.52 -5.73 11.33
C ARG B 116 -19.94 -6.18 12.70
N ASN B 117 -21.22 -6.46 12.91
CA ASN B 117 -21.68 -6.93 14.18
C ASN B 117 -21.19 -8.35 14.52
N GLN B 118 -20.90 -9.16 13.49
CA GLN B 118 -20.58 -10.59 13.70
C GLN B 118 -19.10 -10.90 13.98
N GLY B 119 -18.20 -10.16 13.34
CA GLY B 119 -16.77 -10.27 13.62
C GLY B 119 -16.44 -9.69 14.99
N LYS B 120 -17.49 -9.20 15.65
CA LYS B 120 -17.42 -8.64 17.00
C LYS B 120 -16.66 -9.51 17.96
N CYS B 121 -16.94 -10.81 17.90
CA CYS B 121 -16.40 -11.73 18.92
C CYS B 121 -14.95 -12.13 18.63
N VAL B 122 -14.42 -11.72 17.48
CA VAL B 122 -12.99 -11.81 17.23
C VAL B 122 -12.31 -10.51 17.65
N GLU B 123 -11.54 -10.60 18.71
CA GLU B 123 -10.80 -9.46 19.23
C GLU B 123 -9.96 -8.85 18.13
N GLY B 124 -10.25 -7.58 17.81
CA GLY B 124 -9.42 -6.76 16.91
C GLY B 124 -9.73 -6.91 15.43
N MET B 125 -10.78 -7.63 15.13
CA MET B 125 -11.08 -7.91 13.76
C MET B 125 -11.85 -6.75 13.13
N VAL B 126 -12.64 -6.06 13.95
CA VAL B 126 -13.63 -5.10 13.46
C VAL B 126 -13.02 -3.97 12.64
N GLU B 127 -11.88 -3.46 13.12
CA GLU B 127 -11.19 -2.38 12.46
C GLU B 127 -10.88 -2.75 11.03
N ILE B 128 -10.38 -3.97 10.86
CA ILE B 128 -10.05 -4.52 9.56
C ILE B 128 -11.31 -4.79 8.72
N PHE B 129 -12.37 -5.17 9.39
CA PHE B 129 -13.70 -5.36 8.77
C PHE B 129 -14.20 -4.05 8.16
N ASP B 130 -14.14 -2.99 8.95
CA ASP B 130 -14.55 -1.66 8.51
C ASP B 130 -13.78 -1.26 7.27
N MET B 131 -12.48 -1.45 7.32
CA MET B 131 -11.63 -1.14 6.18
C MET B 131 -12.06 -1.88 4.92
N LEU B 132 -12.28 -3.18 5.04
CA LEU B 132 -12.66 -4.01 3.89
C LEU B 132 -14.02 -3.65 3.34
N LEU B 133 -14.99 -3.40 4.21
CA LEU B 133 -16.30 -2.93 3.74
C LEU B 133 -16.14 -1.58 3.06
N ALA B 134 -15.15 -0.81 3.51
CA ALA B 134 -14.93 0.52 2.96
C ALA B 134 -14.41 0.41 1.55
N THR B 135 -13.42 -0.45 1.37
CA THR B 135 -12.85 -0.72 0.07
C THR B 135 -13.93 -1.21 -0.89
N SER B 136 -14.85 -2.02 -0.35
CA SER B 136 -15.90 -2.61 -1.17
C SER B 136 -16.87 -1.52 -1.64
N SER B 137 -17.30 -0.65 -0.73
CA SER B 137 -18.09 0.50 -1.10
C SER B 137 -17.37 1.36 -2.13
N ARG B 138 -16.04 1.44 -2.06
CA ARG B 138 -15.28 2.19 -3.05
C ARG B 138 -15.37 1.54 -4.44
N PHE B 139 -15.03 0.26 -4.50
CA PHE B 139 -15.15 -0.48 -5.76
C PHE B 139 -16.56 -0.37 -6.32
N ARG B 140 -17.54 -0.48 -5.44
CA ARG B 140 -18.94 -0.38 -5.86
C ARG B 140 -19.22 0.98 -6.49
N MET B 141 -18.83 2.05 -5.79
CA MET B 141 -19.03 3.42 -6.23
C MET B 141 -18.31 3.74 -7.53
N MET B 142 -17.16 3.15 -7.78
CA MET B 142 -16.48 3.38 -9.05
C MET B 142 -17.03 2.45 -10.07
N ASN B 143 -17.73 1.43 -9.62
CA ASN B 143 -18.29 0.48 -10.55
C ASN B 143 -17.25 -0.45 -11.14
N LEU B 144 -16.38 -0.97 -10.29
CA LEU B 144 -15.27 -1.80 -10.72
C LEU B 144 -15.74 -2.96 -11.56
N GLN B 145 -15.10 -3.20 -12.69
CA GLN B 145 -15.49 -4.28 -13.57
C GLN B 145 -14.60 -5.49 -13.32
N GLY B 146 -15.13 -6.66 -13.66
CA GLY B 146 -14.36 -7.89 -13.59
C GLY B 146 -13.01 -7.83 -14.31
N GLU B 147 -13.06 -7.47 -15.59
CA GLU B 147 -11.86 -7.33 -16.40
C GLU B 147 -10.81 -6.42 -15.71
N GLU B 148 -11.28 -5.42 -14.97
CA GLU B 148 -10.38 -4.51 -14.24
C GLU B 148 -9.91 -5.14 -12.93
N PHE B 149 -10.79 -5.94 -12.32
CA PHE B 149 -10.48 -6.62 -11.07
C PHE B 149 -9.33 -7.61 -11.28
N VAL B 150 -9.43 -8.48 -12.26
CA VAL B 150 -8.36 -9.45 -12.48
C VAL B 150 -7.04 -8.77 -12.82
N CYS B 151 -7.11 -7.67 -13.54
CA CYS B 151 -5.92 -6.85 -13.77
C CYS B 151 -5.27 -6.36 -12.47
N LEU B 152 -6.07 -5.73 -11.61
CA LEU B 152 -5.61 -5.30 -10.28
C LEU B 152 -4.96 -6.42 -9.52
N LYS B 153 -5.62 -7.59 -9.56
CA LYS B 153 -5.22 -8.74 -8.80
C LYS B 153 -3.88 -9.29 -9.29
N SER B 154 -3.68 -9.23 -10.60
CA SER B 154 -2.43 -9.65 -11.18
C SER B 154 -1.33 -8.62 -10.89
N ILE B 155 -1.68 -7.35 -10.93
CA ILE B 155 -0.74 -6.30 -10.51
C ILE B 155 -0.24 -6.59 -9.10
N ILE B 156 -1.17 -6.78 -8.16
CA ILE B 156 -0.80 -7.03 -6.75
C ILE B 156 0.23 -8.16 -6.60
N LEU B 157 0.05 -9.22 -7.39
CA LEU B 157 0.88 -10.43 -7.29
C LEU B 157 2.30 -10.23 -7.77
N LEU B 158 2.43 -9.57 -8.91
CA LEU B 158 3.76 -9.19 -9.44
C LEU B 158 4.41 -8.06 -8.61
N ASN B 159 3.62 -7.07 -8.24
CA ASN B 159 4.20 -5.87 -7.64
C ASN B 159 4.74 -6.07 -6.22
N SER B 160 3.86 -6.49 -5.33
CA SER B 160 4.09 -6.35 -3.87
C SER B 160 5.47 -6.78 -3.35
N GLY B 161 6.14 -7.70 -4.05
CA GLY B 161 7.38 -8.23 -3.58
C GLY B 161 8.54 -8.05 -4.56
N VAL B 162 8.34 -7.21 -5.56
CA VAL B 162 9.37 -6.96 -6.57
C VAL B 162 10.48 -6.05 -6.06
N TYR B 163 10.11 -5.08 -5.22
CA TYR B 163 11.08 -4.18 -4.62
C TYR B 163 12.02 -4.96 -3.74
N THR B 164 11.47 -6.03 -3.17
CA THR B 164 12.20 -6.86 -2.23
C THR B 164 12.82 -8.05 -2.95
N PHE B 165 13.19 -7.82 -4.21
CA PHE B 165 14.09 -8.73 -4.95
C PHE B 165 15.55 -8.35 -4.70
N THR B 169 21.79 -11.82 -8.69
CA THR B 169 23.02 -11.09 -8.90
C THR B 169 22.94 -10.33 -10.24
N LEU B 170 22.96 -11.06 -11.36
CA LEU B 170 22.77 -10.56 -12.74
C LEU B 170 21.48 -11.11 -13.29
N LYS B 171 21.12 -12.31 -12.82
CA LYS B 171 19.86 -12.89 -13.18
C LYS B 171 18.73 -12.23 -12.37
N SER B 172 19.14 -11.38 -11.43
CA SER B 172 18.21 -10.70 -10.54
C SER B 172 17.58 -9.52 -11.26
N LEU B 173 18.43 -8.75 -11.94
CA LEU B 173 18.00 -7.54 -12.66
C LEU B 173 17.20 -7.87 -13.94
N GLU B 174 17.46 -9.04 -14.53
CA GLU B 174 16.67 -9.51 -15.66
C GLU B 174 15.28 -9.94 -15.20
N GLU B 175 15.22 -10.57 -14.03
CA GLU B 175 13.96 -11.03 -13.45
C GLU B 175 13.08 -9.87 -13.04
N LYS B 176 13.64 -8.94 -12.27
CA LYS B 176 13.05 -7.63 -11.99
C LYS B 176 12.49 -6.97 -13.23
N ASP B 177 13.34 -6.85 -14.24
CA ASP B 177 13.01 -6.11 -15.45
C ASP B 177 11.89 -6.81 -16.18
N HIS B 178 11.92 -8.14 -16.08
CA HIS B 178 10.90 -8.97 -16.69
C HIS B 178 9.55 -8.61 -16.09
N ILE B 179 9.50 -8.59 -14.76
CA ILE B 179 8.27 -8.31 -14.00
C ILE B 179 7.76 -6.91 -14.30
N HIS B 180 8.68 -5.97 -14.43
CA HIS B 180 8.30 -4.62 -14.81
C HIS B 180 7.69 -4.56 -16.19
N ARG B 181 8.28 -5.28 -17.15
CA ARG B 181 7.71 -5.35 -18.50
C ARG B 181 6.29 -5.91 -18.45
N VAL B 182 6.09 -6.93 -17.63
CA VAL B 182 4.78 -7.56 -17.54
C VAL B 182 3.76 -6.60 -16.89
N LEU B 183 4.20 -5.92 -15.84
CA LEU B 183 3.32 -4.97 -15.15
C LEU B 183 2.91 -3.87 -16.13
N ASP B 184 3.84 -3.48 -17.01
CA ASP B 184 3.54 -2.50 -18.07
C ASP B 184 2.45 -2.99 -19.05
N LYS B 185 2.55 -4.23 -19.50
CA LYS B 185 1.45 -4.80 -20.32
C LYS B 185 0.08 -4.71 -19.63
N ILE B 186 0.02 -5.04 -18.35
CA ILE B 186 -1.27 -5.04 -17.62
C ILE B 186 -1.79 -3.61 -17.50
N THR B 187 -0.86 -2.66 -17.40
CA THR B 187 -1.19 -1.25 -17.44
C THR B 187 -1.78 -0.88 -18.80
N ASP B 188 -1.11 -1.31 -19.86
CA ASP B 188 -1.61 -1.17 -21.23
C ASP B 188 -3.00 -1.81 -21.34
N THR B 189 -3.20 -2.90 -20.62
CA THR B 189 -4.46 -3.60 -20.68
C THR B 189 -5.55 -2.84 -19.95
N LEU B 190 -5.21 -2.26 -18.81
CA LEU B 190 -6.22 -1.52 -18.06
C LEU B 190 -6.71 -0.38 -18.90
N ILE B 191 -5.79 0.22 -19.66
CA ILE B 191 -6.13 1.38 -20.44
C ILE B 191 -7.04 0.95 -21.61
N HIS B 192 -6.53 0.03 -22.42
CA HIS B 192 -7.37 -0.66 -23.41
C HIS B 192 -8.82 -0.76 -22.95
N LEU B 193 -9.00 -1.41 -21.80
CA LEU B 193 -10.32 -1.61 -21.20
C LEU B 193 -11.12 -0.32 -21.06
N MET B 194 -10.54 0.68 -20.40
CA MET B 194 -11.26 1.94 -20.19
C MET B 194 -11.57 2.67 -21.49
N ALA B 195 -10.60 2.73 -22.38
CA ALA B 195 -10.87 3.24 -23.73
C ALA B 195 -12.10 2.53 -24.31
N LYS B 196 -12.06 1.20 -24.36
CA LYS B 196 -13.16 0.43 -24.92
C LYS B 196 -14.46 0.76 -24.18
N ALA B 197 -14.35 1.01 -22.88
CA ALA B 197 -15.50 1.37 -22.06
C ALA B 197 -16.04 2.76 -22.41
N GLY B 198 -15.39 3.43 -23.35
CA GLY B 198 -15.84 4.71 -23.84
C GLY B 198 -15.41 5.88 -22.99
N LEU B 199 -14.37 5.67 -22.19
CA LEU B 199 -13.80 6.73 -21.40
C LEU B 199 -12.92 7.69 -22.22
N THR B 200 -12.97 8.97 -21.88
CA THR B 200 -12.06 9.96 -22.49
C THR B 200 -10.63 9.67 -22.05
N LEU B 201 -9.66 10.19 -22.78
CA LEU B 201 -8.26 10.04 -22.40
C LEU B 201 -8.02 10.49 -20.97
N GLN B 202 -8.61 11.61 -20.59
CA GLN B 202 -8.43 12.18 -19.27
C GLN B 202 -8.97 11.22 -18.22
N GLN B 203 -10.17 10.72 -18.48
CA GLN B 203 -10.83 9.79 -17.56
C GLN B 203 -10.09 8.47 -17.41
N GLN B 204 -9.43 8.04 -18.47
CA GLN B 204 -8.57 6.85 -18.43
C GLN B 204 -7.49 6.95 -17.36
N HIS B 205 -6.70 8.01 -17.42
CA HIS B 205 -5.58 8.08 -16.52
C HIS B 205 -6.03 8.50 -15.10
N GLN B 206 -7.12 9.25 -15.01
CA GLN B 206 -7.79 9.44 -13.73
C GLN B 206 -8.25 8.13 -13.12
N ARG B 207 -8.89 7.28 -13.92
CA ARG B 207 -9.34 6.00 -13.39
C ARG B 207 -8.13 5.13 -13.00
N LEU B 208 -7.20 5.00 -13.93
CA LEU B 208 -6.03 4.21 -13.65
C LEU B 208 -5.40 4.62 -12.31
N ALA B 209 -5.33 5.92 -12.04
CA ALA B 209 -4.84 6.45 -10.78
C ALA B 209 -5.68 5.98 -9.58
N GLN B 210 -7.01 6.03 -9.72
CA GLN B 210 -7.89 5.74 -8.60
C GLN B 210 -7.81 4.29 -8.15
N LEU B 211 -7.58 3.41 -9.09
CA LEU B 211 -7.55 1.99 -8.79
C LEU B 211 -6.21 1.59 -8.22
N LEU B 212 -5.14 2.12 -8.80
CA LEU B 212 -3.80 1.86 -8.31
C LEU B 212 -3.62 2.43 -6.92
N LEU B 213 -4.30 3.53 -6.65
CA LEU B 213 -4.26 4.12 -5.31
C LEU B 213 -5.00 3.25 -4.31
N ILE B 214 -5.99 2.53 -4.78
CA ILE B 214 -6.72 1.59 -3.94
C ILE B 214 -5.82 0.44 -3.45
N LEU B 215 -4.81 0.10 -4.23
CA LEU B 215 -3.88 -0.95 -3.83
C LEU B 215 -3.10 -0.60 -2.58
N SER B 216 -2.80 0.68 -2.42
CA SER B 216 -2.14 1.19 -1.23
CA SER B 216 -2.12 1.12 -1.22
C SER B 216 -2.93 0.81 0.04
N HIS B 217 -4.24 1.03 0.01
CA HIS B 217 -5.12 0.65 1.14
C HIS B 217 -5.24 -0.89 1.34
N ILE B 218 -5.05 -1.61 0.25
CA ILE B 218 -5.07 -3.07 0.30
C ILE B 218 -3.77 -3.66 0.91
N ARG B 219 -2.65 -3.04 0.56
CA ARG B 219 -1.38 -3.35 1.19
C ARG B 219 -1.55 -3.09 2.66
N HIS B 220 -2.20 -1.98 2.97
CA HIS B 220 -2.38 -1.55 4.34
C HIS B 220 -3.32 -2.49 5.09
N MET B 221 -4.44 -2.83 4.49
CA MET B 221 -5.33 -3.86 5.08
C MET B 221 -4.60 -5.19 5.30
N SER B 222 -3.72 -5.53 4.38
CA SER B 222 -2.94 -6.74 4.56
C SER B 222 -2.07 -6.70 5.80
N ASN B 223 -1.29 -5.64 5.95
CA ASN B 223 -0.32 -5.55 7.04
C ASN B 223 -1.01 -5.69 8.39
N LYS B 224 -2.16 -4.99 8.51
CA LYS B 224 -2.96 -5.06 9.74
C LYS B 224 -3.59 -6.45 9.86
N GLY B 225 -3.99 -7.02 8.75
CA GLY B 225 -4.48 -8.39 8.73
C GLY B 225 -3.45 -9.37 9.26
N MET B 226 -2.21 -9.21 8.81
CA MET B 226 -1.11 -10.11 9.16
C MET B 226 -0.89 -10.10 10.67
N GLU B 227 -0.70 -8.89 11.22
CA GLU B 227 -0.44 -8.70 12.64
C GLU B 227 -1.55 -9.24 13.53
N HIS B 228 -2.80 -9.06 13.10
CA HIS B 228 -3.91 -9.67 13.83
C HIS B 228 -3.84 -11.20 13.87
N LEU B 229 -3.50 -11.78 12.73
CA LEU B 229 -3.31 -13.24 12.59
C LEU B 229 -2.20 -13.78 13.51
N TYR B 230 -1.09 -13.08 13.55
CA TYR B 230 0.01 -13.40 14.43
C TYR B 230 -0.44 -13.42 15.88
N SER B 231 -1.36 -12.55 16.25
CA SER B 231 -1.85 -12.56 17.60
C SER B 231 -2.89 -13.59 17.91
N MET B 232 -3.67 -13.98 16.94
CA MET B 232 -4.43 -15.18 17.14
C MET B 232 -3.45 -16.34 17.25
N LYS B 233 -2.41 -16.33 16.45
CA LYS B 233 -1.45 -17.40 16.55
C LYS B 233 -0.83 -17.44 17.95
N CYS B 234 -0.26 -16.29 18.36
CA CYS B 234 0.46 -16.18 19.63
C CYS B 234 -0.41 -16.30 20.88
N LYS B 235 -1.70 -16.42 20.66
CA LYS B 235 -2.63 -16.62 21.76
C LYS B 235 -3.21 -18.00 21.78
N ASN B 236 -2.81 -18.81 20.82
CA ASN B 236 -3.35 -20.14 20.68
C ASN B 236 -4.87 -20.05 20.66
N VAL B 237 -5.39 -19.19 19.78
CA VAL B 237 -6.84 -19.10 19.60
C VAL B 237 -7.38 -20.07 18.57
N VAL B 238 -6.52 -20.38 17.60
CA VAL B 238 -6.89 -21.19 16.47
C VAL B 238 -5.63 -21.89 16.01
N PRO B 239 -5.74 -23.17 15.64
CA PRO B 239 -4.65 -23.88 15.00
C PRO B 239 -4.51 -23.36 13.56
N LEU B 240 -3.28 -23.18 13.10
CA LEU B 240 -3.08 -22.75 11.72
C LEU B 240 -2.41 -23.86 10.90
N SER B 241 -2.88 -24.04 9.66
CA SER B 241 -2.28 -24.99 8.74
C SER B 241 -0.78 -24.77 8.68
N ASP B 242 -0.05 -25.80 8.30
CA ASP B 242 1.39 -25.70 8.14
C ASP B 242 1.69 -24.75 7.00
N LEU B 243 0.72 -24.60 6.10
CA LEU B 243 0.89 -23.59 5.07
C LEU B 243 0.70 -22.20 5.70
N LEU B 244 -0.44 -21.94 6.34
CA LEU B 244 -0.63 -20.67 7.02
CA LEU B 244 -0.63 -20.66 7.04
C LEU B 244 0.55 -20.29 7.89
N LEU B 245 1.02 -21.25 8.66
CA LEU B 245 2.09 -20.93 9.58
C LEU B 245 3.21 -20.37 8.77
N GLU B 246 3.56 -21.06 7.69
CA GLU B 246 4.69 -20.66 6.84
C GLU B 246 4.51 -19.30 6.15
N MET B 247 3.29 -18.96 5.72
CA MET B 247 3.06 -17.71 5.00
C MET B 247 3.08 -16.51 5.96
N LEU B 248 2.51 -16.71 7.15
CA LEU B 248 2.62 -15.76 8.24
C LEU B 248 4.07 -15.61 8.66
N ASP B 249 4.79 -16.73 8.71
CA ASP B 249 6.22 -16.69 8.95
C ASP B 249 6.93 -15.69 8.02
N ALA B 250 6.78 -15.88 6.73
CA ALA B 250 7.47 -15.06 5.72
C ALA B 250 7.48 -13.60 6.11
N HIS B 251 6.38 -13.16 6.69
CA HIS B 251 6.25 -11.81 7.20
C HIS B 251 6.98 -11.63 8.52
N ARG B 252 7.90 -12.55 8.78
CA ARG B 252 8.92 -12.54 9.87
C ARG B 252 8.54 -11.83 10.99
N LEU B 253 7.30 -12.06 11.18
CA LEU B 253 6.57 -11.10 11.93
C LEU B 253 6.92 -11.03 13.41
N HIS B 254 6.17 -10.21 14.20
CA HIS B 254 6.24 -9.97 15.69
C HIS B 254 5.00 -9.16 16.28
N HIS C 2 -3.94 13.33 21.41
CA HIS C 2 -4.72 13.64 20.19
C HIS C 2 -4.54 15.07 19.69
N LYS C 3 -3.91 15.90 20.51
CA LYS C 3 -4.28 17.28 20.58
C LYS C 3 -3.16 18.19 20.11
N ILE C 4 -1.91 17.78 20.26
CA ILE C 4 -0.77 18.61 19.81
C ILE C 4 -0.89 18.96 18.35
N LEU C 5 -1.20 17.94 17.55
CA LEU C 5 -1.35 18.08 16.11
C LEU C 5 -2.50 19.01 15.78
N HIS C 6 -3.53 18.94 16.60
CA HIS C 6 -4.71 19.76 16.42
C HIS C 6 -4.28 21.22 16.46
N ARG C 7 -3.50 21.56 17.49
CA ARG C 7 -3.01 22.94 17.71
C ARG C 7 -1.94 23.42 16.70
N LEU C 8 -1.17 22.51 16.10
CA LEU C 8 -0.19 22.91 15.08
C LEU C 8 -0.89 23.28 13.77
N LEU C 9 -2.03 22.65 13.52
CA LEU C 9 -2.76 22.86 12.28
C LEU C 9 -3.58 24.16 12.30
N GLN C 10 -3.61 24.82 13.46
CA GLN C 10 -4.23 26.13 13.61
C GLN C 10 -3.20 27.26 13.68
N ASP C 11 -2.01 26.93 14.19
CA ASP C 11 -0.89 27.88 14.36
C ASP C 11 -0.49 28.57 13.06
N SER C 12 -0.23 29.88 13.13
CA SER C 12 -0.20 30.73 11.95
C SER C 12 1.02 31.67 11.91
N HIS D 2 12.55 -27.49 3.51
CA HIS D 2 11.72 -27.70 2.30
C HIS D 2 10.31 -27.11 2.50
N LYS D 3 10.23 -25.82 2.28
CA LYS D 3 9.00 -25.03 2.43
C LYS D 3 7.84 -25.72 1.70
N ILE D 4 6.63 -25.51 2.22
CA ILE D 4 5.44 -26.14 1.66
C ILE D 4 5.07 -25.55 0.30
N LEU D 5 5.18 -24.24 0.23
CA LEU D 5 4.74 -23.47 -0.93
C LEU D 5 5.52 -23.83 -2.19
N HIS D 6 6.80 -24.04 -1.99
CA HIS D 6 7.75 -24.40 -3.04
C HIS D 6 7.35 -25.68 -3.77
N ARG D 7 6.95 -26.68 -2.99
CA ARG D 7 6.52 -27.96 -3.54
C ARG D 7 5.17 -27.82 -4.21
N LEU D 8 4.27 -27.08 -3.56
CA LEU D 8 2.94 -26.84 -4.13
C LEU D 8 3.03 -26.15 -5.50
N LEU D 9 4.13 -25.45 -5.72
CA LEU D 9 4.37 -24.70 -6.94
C LEU D 9 4.97 -25.55 -8.06
N GLN D 10 5.11 -26.85 -7.81
CA GLN D 10 5.58 -27.77 -8.83
C GLN D 10 4.56 -28.87 -9.16
N ASP D 11 3.38 -28.80 -8.56
CA ASP D 11 2.39 -29.86 -8.68
C ASP D 11 1.17 -29.46 -9.52
N PIQ E . 11.17 2.58 13.85
C2 PIQ E . 11.41 3.75 13.28
N1 PIQ E . 11.77 3.92 12.03
C7A PIQ E . 11.91 5.23 11.82
C7 PIQ E . 12.26 5.99 10.70
C6 PIQ E . 12.32 7.38 10.85
C1' PIQ E . 12.67 8.17 9.75
C2' PIQ E . 12.89 7.59 8.51
C3' PIQ E . 13.24 8.37 7.42
C4' PIQ E . 13.40 9.75 7.58
C5' PIQ E . 13.20 10.34 8.82
C6' PIQ E . 12.84 9.54 9.90
N3 PIQ E . 11.31 4.92 13.91
CM PIQ E . 11.94 2.83 11.03
C3A PIQ E . 11.62 5.87 13.02
N4 PIQ E . 11.68 7.21 13.13
C5 PIQ E . 12.01 7.96 12.09
N PIQ F . -7.41 -10.82 10.18
C2 PIQ F . -7.68 -11.67 9.19
N1 PIQ F . -8.64 -11.49 8.29
C7A PIQ F . -8.63 -12.52 7.45
C7 PIQ F . -9.41 -12.83 6.35
C6 PIQ F . -9.17 -14.01 5.66
C1' PIQ F . -9.93 -14.35 4.53
C2' PIQ F . -10.71 -13.44 3.84
C3' PIQ F . -11.49 -13.86 2.74
C4' PIQ F . -11.54 -15.21 2.36
C5' PIQ F . -10.78 -16.13 3.11
C6' PIQ F . -10.01 -15.70 4.18
N3 PIQ F . -7.05 -12.83 8.96
CM PIQ F . -9.57 -10.33 8.18
C3A PIQ F . -7.62 -13.39 7.88
N4 PIQ F . -7.40 -14.54 7.19
C5 PIQ F . -8.13 -14.84 6.12
#